data_7WRK
#
_entry.id   7WRK
#
_cell.length_a   42.180
_cell.length_b   42.180
_cell.length_c   156.890
_cell.angle_alpha   90.000
_cell.angle_beta   90.000
_cell.angle_gamma   90.000
#
_symmetry.space_group_name_H-M   'P 43 21 2'
#
loop_
_entity.id
_entity.type
_entity.pdbx_description
1 polymer 'hypothetical protein TTHA1873'
2 non-polymer 'CALCIUM ION'
3 water water
#
_entity_poly.entity_id   1
_entity_poly.type   'polypeptide(L)'
_entity_poly.pdbx_seq_one_letter_code
;MGNYLEDCATVDVQARPTAYALAISSLGEFNSLTGGTSTDPVAEGNDYYYRFEIRAWEGSSGPQTNVTLNVTRTLGNSTF
AGSGTKGVDFEVELDPDGPFGPASYAPVLSADVQVLAWGPTGVQLRYLPSLAPGATLRFSLRANAVNGTNTTVQADATST
EAPGPYTVFETTTIIP
;
_entity_poly.pdbx_strand_id   A
#
loop_
_chem_comp.id
_chem_comp.type
_chem_comp.name
_chem_comp.formula
CA non-polymer 'CALCIUM ION' 'Ca 2'
#
# COMPACT_ATOMS: atom_id res chain seq x y z
N PRO A 17 25.91 -7.33 12.67
CA PRO A 17 25.07 -7.79 11.54
C PRO A 17 23.87 -6.85 11.29
N THR A 18 23.15 -7.07 10.20
CA THR A 18 21.81 -6.47 9.91
C THR A 18 20.75 -7.42 10.49
N ALA A 19 20.00 -6.95 11.49
CA ALA A 19 19.10 -7.86 12.25
C ALA A 19 17.83 -7.99 11.42
N TYR A 20 17.27 -6.86 11.04
CA TYR A 20 15.96 -6.82 10.35
C TYR A 20 15.99 -5.76 9.27
N ALA A 21 15.29 -6.01 8.17
CA ALA A 21 15.14 -4.99 7.11
C ALA A 21 13.77 -5.17 6.47
N LEU A 22 13.27 -4.08 5.96
CA LEU A 22 12.02 -3.98 5.23
C LEU A 22 12.30 -3.19 3.97
N ALA A 23 11.44 -3.31 3.00
CA ALA A 23 11.50 -2.46 1.81
C ALA A 23 10.09 -2.06 1.39
N ILE A 24 10.03 -1.00 0.61
CA ILE A 24 8.74 -0.55 -0.01
C ILE A 24 8.96 -0.41 -1.50
N SER A 25 7.92 -0.64 -2.25
CA SER A 25 7.91 -0.41 -3.70
C SER A 25 6.56 0.14 -4.10
N SER A 26 6.59 1.07 -5.07
CA SER A 26 5.38 1.45 -5.79
C SER A 26 5.13 0.47 -6.92
N LEU A 27 3.87 0.10 -7.16
CA LEU A 27 3.46 -0.73 -8.32
C LEU A 27 2.63 0.10 -9.32
N GLY A 28 2.41 1.36 -9.01
CA GLY A 28 1.59 2.24 -9.84
C GLY A 28 0.11 2.05 -9.62
N GLU A 29 -0.67 2.59 -10.54
CA GLU A 29 -2.12 2.71 -10.45
C GLU A 29 -2.80 1.58 -11.26
N PHE A 30 -3.99 1.21 -10.82
CA PHE A 30 -4.81 0.15 -11.45
C PHE A 30 -6.28 0.57 -11.48
N ASN A 31 -7.08 -0.06 -12.36
CA ASN A 31 -8.50 0.33 -12.53
C ASN A 31 -9.38 -0.48 -11.58
N SER A 32 -8.80 -1.36 -10.78
CA SER A 32 -9.54 -2.26 -9.86
C SER A 32 -8.76 -2.42 -8.58
N LEU A 33 -9.50 -2.78 -7.52
CA LEU A 33 -8.87 -2.92 -6.19
C LEU A 33 -7.94 -4.11 -6.29
N THR A 34 -8.42 -5.19 -6.89
CA THR A 34 -7.57 -6.35 -7.16
C THR A 34 -7.74 -6.74 -8.62
N GLY A 35 -6.76 -7.46 -9.15
CA GLY A 35 -6.73 -7.82 -10.58
C GLY A 35 -6.93 -6.60 -11.47
N GLY A 36 -7.83 -6.73 -12.46
CA GLY A 36 -8.05 -5.66 -13.45
C GLY A 36 -6.78 -5.34 -14.24
N THR A 37 -6.65 -4.07 -14.62
CA THR A 37 -5.65 -3.63 -15.59
C THR A 37 -4.97 -2.39 -14.98
N SER A 38 -3.75 -2.08 -15.41
CA SER A 38 -3.08 -0.81 -15.04
C SER A 38 -3.84 0.40 -15.63
N THR A 39 -3.63 1.55 -15.00
CA THR A 39 -4.12 2.83 -15.52
C THR A 39 -3.10 3.93 -15.19
N ASP A 40 -3.50 5.19 -15.39
CA ASP A 40 -2.67 6.40 -15.37
C ASP A 40 -2.25 6.70 -16.82
N PRO A 41 -2.69 7.84 -17.39
CA PRO A 41 -3.58 8.81 -16.74
C PRO A 41 -4.98 8.34 -16.33
N VAL A 42 -5.65 9.17 -15.51
CA VAL A 42 -7.05 8.88 -15.05
C VAL A 42 -7.90 10.13 -15.31
N ALA A 43 -9.09 9.93 -15.86
CA ALA A 43 -10.04 11.01 -16.12
C ALA A 43 -10.66 11.44 -14.79
N GLU A 44 -10.68 12.74 -14.53
CA GLU A 44 -11.43 13.28 -13.37
C GLU A 44 -12.84 12.70 -13.35
N GLY A 45 -13.28 12.30 -12.17
CA GLY A 45 -14.60 11.69 -11.97
C GLY A 45 -14.58 10.17 -11.93
N ASN A 46 -13.46 9.53 -12.24
CA ASN A 46 -13.32 8.06 -12.14
C ASN A 46 -12.54 7.73 -10.88
N ASP A 47 -12.84 6.58 -10.33
CA ASP A 47 -12.03 5.93 -9.29
C ASP A 47 -10.81 5.26 -9.90
N TYR A 48 -9.78 5.19 -9.13
CA TYR A 48 -8.57 4.41 -9.50
C TYR A 48 -7.92 3.89 -8.22
N TYR A 49 -6.88 3.08 -8.33
CA TYR A 49 -6.29 2.44 -7.12
C TYR A 49 -4.78 2.56 -7.16
N TYR A 50 -4.17 2.96 -6.05
CA TYR A 50 -2.70 2.88 -5.90
C TYR A 50 -2.41 1.47 -5.35
N ARG A 51 -1.27 0.89 -5.72
CA ARG A 51 -0.76 -0.31 -5.02
C ARG A 51 0.70 -0.09 -4.62
N PHE A 52 1.00 -0.57 -3.43
CA PHE A 52 2.31 -0.53 -2.79
C PHE A 52 2.57 -1.88 -2.17
N GLU A 53 3.83 -2.28 -2.22
CA GLU A 53 4.25 -3.46 -1.50
C GLU A 53 5.17 -3.10 -0.35
N ILE A 54 5.00 -3.81 0.77
CA ILE A 54 5.98 -3.84 1.86
C ILE A 54 6.55 -5.25 1.90
N ARG A 55 7.88 -5.32 1.97
CA ARG A 55 8.61 -6.55 1.66
C ARG A 55 9.59 -6.83 2.82
N ALA A 56 9.43 -7.98 3.47
CA ALA A 56 10.27 -8.30 4.64
C ALA A 56 11.55 -8.94 4.09
N TRP A 57 12.71 -8.50 4.54
CA TRP A 57 13.98 -9.09 4.11
C TRP A 57 14.00 -10.60 4.45
N GLU A 58 14.41 -11.44 3.50
CA GLU A 58 14.56 -12.91 3.75
C GLU A 58 15.59 -13.22 4.86
N GLY A 59 16.57 -12.36 5.10
CA GLY A 59 17.62 -12.56 6.11
C GLY A 59 17.23 -12.00 7.48
N SER A 60 16.04 -11.40 7.62
CA SER A 60 15.60 -10.85 8.93
C SER A 60 15.75 -11.88 10.08
N SER A 61 16.11 -11.41 11.26
CA SER A 61 16.41 -12.27 12.45
C SER A 61 15.14 -12.90 13.06
N GLY A 62 13.98 -12.58 12.52
CA GLY A 62 12.70 -13.15 12.93
C GLY A 62 11.57 -12.40 12.23
N PRO A 63 10.30 -12.70 12.54
CA PRO A 63 9.17 -11.96 11.98
C PRO A 63 9.17 -10.52 12.48
N GLN A 64 8.61 -9.64 11.67
CA GLN A 64 8.46 -8.21 12.00
C GLN A 64 7.04 -7.91 12.44
N THR A 65 6.95 -6.97 13.36
CA THR A 65 5.66 -6.61 14.00
C THR A 65 5.35 -5.16 13.70
N ASN A 66 4.08 -4.85 13.81
CA ASN A 66 3.60 -3.46 13.59
C ASN A 66 4.00 -2.96 12.22
N VAL A 67 3.95 -3.82 11.23
CA VAL A 67 4.22 -3.39 9.84
C VAL A 67 3.10 -2.43 9.41
N THR A 68 3.48 -1.21 9.07
CA THR A 68 2.58 -0.06 8.93
C THR A 68 2.86 0.65 7.61
N LEU A 69 1.80 0.96 6.88
CA LEU A 69 1.88 1.79 5.65
C LEU A 69 1.23 3.14 5.95
N ASN A 70 1.93 4.22 5.69
CA ASN A 70 1.37 5.57 5.86
C ASN A 70 1.44 6.22 4.50
N VAL A 71 0.30 6.62 3.96
CA VAL A 71 0.25 7.27 2.63
C VAL A 71 -0.41 8.63 2.79
N THR A 72 0.28 9.65 2.32
CA THR A 72 -0.23 11.03 2.43
C THR A 72 -0.21 11.65 1.05
N ARG A 73 -1.21 12.46 0.74
CA ARG A 73 -1.14 13.22 -0.51
C ARG A 73 -0.14 14.37 -0.38
N THR A 74 0.76 14.48 -1.34
CA THR A 74 1.83 15.51 -1.26
C THR A 74 1.46 16.65 -2.19
N LEU A 75 0.93 16.36 -3.37
CA LEU A 75 0.56 17.37 -4.39
C LEU A 75 -0.74 16.99 -5.09
N GLY A 76 -1.47 18.00 -5.58
CA GLY A 76 -2.64 17.79 -6.43
C GLY A 76 -3.89 17.57 -5.61
N ASN A 77 -4.94 17.12 -6.25
CA ASN A 77 -6.32 17.31 -5.77
C ASN A 77 -7.05 15.99 -5.64
N SER A 78 -6.49 14.87 -6.07
CA SER A 78 -7.17 13.56 -5.95
C SER A 78 -7.30 13.18 -4.47
N THR A 79 -8.25 12.32 -4.13
CA THR A 79 -8.60 12.01 -2.71
C THR A 79 -8.67 10.51 -2.49
N PHE A 80 -8.21 10.05 -1.33
CA PHE A 80 -8.49 8.64 -0.98
C PHE A 80 -9.97 8.53 -0.76
N ALA A 81 -10.53 7.47 -1.30
CA ALA A 81 -11.97 7.30 -1.38
C ALA A 81 -12.60 6.53 -0.21
N GLY A 82 -13.88 6.77 0.01
CA GLY A 82 -14.67 5.93 0.93
C GLY A 82 -14.37 6.21 2.41
N SER A 83 -14.88 5.35 3.25
CA SER A 83 -14.88 5.45 4.73
C SER A 83 -13.76 4.62 5.31
N GLY A 84 -13.16 3.72 4.55
CA GLY A 84 -12.13 2.80 5.07
C GLY A 84 -12.59 1.37 5.15
N THR A 85 -13.46 0.97 4.22
CA THR A 85 -14.02 -0.41 4.21
C THR A 85 -13.10 -1.38 3.46
N LYS A 86 -12.61 -2.39 4.17
CA LYS A 86 -11.72 -3.38 3.57
C LYS A 86 -12.51 -4.06 2.47
N GLY A 87 -11.82 -4.29 1.34
CA GLY A 87 -12.46 -4.99 0.21
C GLY A 87 -13.19 -4.04 -0.71
N VAL A 88 -13.32 -2.76 -0.36
CA VAL A 88 -13.94 -1.72 -1.23
C VAL A 88 -12.97 -0.55 -1.39
N ASP A 89 -12.58 0.03 -0.26
CA ASP A 89 -11.75 1.26 -0.27
C ASP A 89 -10.27 0.91 -0.19
N PHE A 90 -9.95 -0.20 0.47
CA PHE A 90 -8.58 -0.72 0.49
C PHE A 90 -8.60 -2.25 0.55
N GLU A 91 -7.45 -2.80 0.23
CA GLU A 91 -7.22 -4.25 0.39
C GLU A 91 -5.79 -4.47 0.85
N VAL A 92 -5.60 -5.44 1.70
CA VAL A 92 -4.25 -5.91 2.13
C VAL A 92 -4.20 -7.38 1.78
N GLU A 93 -3.22 -7.75 0.96
CA GLU A 93 -2.96 -9.12 0.53
C GLU A 93 -1.61 -9.55 1.04
N LEU A 94 -1.53 -10.83 1.40
CA LEU A 94 -0.27 -11.43 1.85
C LEU A 94 0.24 -12.45 0.82
N ASP A 95 1.54 -12.40 0.53
CA ASP A 95 2.23 -13.43 -0.28
C ASP A 95 3.16 -14.04 0.73
N PRO A 96 2.74 -15.15 1.36
CA PRO A 96 3.47 -15.66 2.52
C PRO A 96 4.91 -16.11 2.24
N ASP A 97 5.22 -16.46 0.98
CA ASP A 97 6.61 -16.85 0.65
C ASP A 97 7.29 -15.78 -0.21
N GLY A 98 6.65 -14.64 -0.37
CA GLY A 98 7.26 -13.55 -1.11
C GLY A 98 7.64 -14.03 -2.51
N PRO A 99 8.65 -13.39 -3.12
CA PRO A 99 9.13 -13.79 -4.43
C PRO A 99 9.84 -15.13 -4.37
N PHE A 100 10.10 -15.68 -3.17
CA PHE A 100 10.97 -16.86 -3.07
C PHE A 100 10.20 -18.17 -3.22
N GLY A 101 8.87 -18.08 -3.34
CA GLY A 101 8.03 -19.28 -3.49
C GLY A 101 6.77 -19.01 -4.29
N PRO A 102 6.08 -20.09 -4.67
CA PRO A 102 4.96 -19.98 -5.60
C PRO A 102 3.62 -19.51 -5.04
N ALA A 103 3.54 -19.42 -3.73
CA ALA A 103 2.27 -18.94 -3.11
C ALA A 103 1.93 -17.59 -3.73
N SER A 104 0.64 -17.36 -3.97
CA SER A 104 0.19 -16.09 -4.54
C SER A 104 -0.35 -15.15 -3.45
N TYR A 105 -0.49 -13.90 -3.81
CA TYR A 105 -1.19 -12.93 -2.95
C TYR A 105 -2.63 -13.41 -2.69
N ALA A 106 -3.07 -13.29 -1.45
CA ALA A 106 -4.46 -13.51 -1.06
C ALA A 106 -4.84 -12.47 -0.02
N PRO A 107 -6.08 -11.97 -0.07
CA PRO A 107 -6.53 -10.98 0.92
C PRO A 107 -6.39 -11.57 2.33
N VAL A 108 -5.97 -10.75 3.27
CA VAL A 108 -5.85 -11.20 4.67
C VAL A 108 -7.21 -11.02 5.35
N LEU A 109 -7.35 -11.57 6.54
CA LEU A 109 -8.62 -11.46 7.26
C LEU A 109 -8.80 -9.99 7.67
N SER A 110 -10.05 -9.60 7.79
CA SER A 110 -10.33 -8.22 8.24
C SER A 110 -9.70 -7.95 9.61
N ALA A 111 -9.71 -8.93 10.48
CA ALA A 111 -9.18 -8.79 11.85
C ALA A 111 -7.67 -8.56 11.81
N ASP A 112 -7.04 -8.88 10.69
CA ASP A 112 -5.57 -8.79 10.56
C ASP A 112 -5.11 -7.37 10.23
N VAL A 113 -6.05 -6.47 9.92
CA VAL A 113 -5.65 -5.09 9.57
C VAL A 113 -6.30 -4.10 10.51
N GLN A 114 -5.52 -3.17 11.04
CA GLN A 114 -6.05 -2.08 11.87
C GLN A 114 -6.02 -0.81 11.02
N VAL A 115 -7.16 -0.16 10.88
CA VAL A 115 -7.20 1.09 10.09
C VAL A 115 -6.85 2.20 11.06
N LEU A 116 -5.63 2.66 11.04
CA LEU A 116 -5.20 3.71 12.01
C LEU A 116 -5.72 5.06 11.60
N ALA A 117 -5.88 5.30 10.31
CA ALA A 117 -6.43 6.56 9.76
C ALA A 117 -6.96 6.33 8.35
N TRP A 118 -8.14 6.91 8.06
CA TRP A 118 -8.65 6.84 6.69
C TRP A 118 -9.33 8.16 6.37
N GLY A 119 -8.65 8.95 5.58
CA GLY A 119 -9.26 10.19 5.14
C GLY A 119 -8.81 10.56 3.73
N PRO A 120 -9.45 11.58 3.13
CA PRO A 120 -9.15 11.97 1.75
C PRO A 120 -7.67 12.32 1.46
N THR A 121 -6.91 12.77 2.44
CA THR A 121 -5.48 13.15 2.16
C THR A 121 -4.47 12.31 2.94
N GLY A 122 -4.92 11.30 3.65
CA GLY A 122 -4.00 10.45 4.43
C GLY A 122 -4.67 9.15 4.84
N VAL A 123 -3.95 8.05 4.65
CA VAL A 123 -4.45 6.74 5.13
C VAL A 123 -3.30 6.00 5.81
N GLN A 124 -3.63 5.25 6.86
CA GLN A 124 -2.61 4.52 7.65
C GLN A 124 -3.18 3.16 7.96
N LEU A 125 -2.46 2.12 7.52
CA LEU A 125 -2.93 0.74 7.68
C LEU A 125 -1.86 -0.05 8.39
N ARG A 126 -2.25 -0.78 9.43
CA ARG A 126 -1.28 -1.62 10.18
C ARG A 126 -1.65 -3.09 10.05
N TYR A 127 -0.67 -3.90 9.71
CA TYR A 127 -0.78 -5.35 9.67
C TYR A 127 -0.53 -5.88 11.09
N LEU A 128 -1.49 -6.57 11.66
CA LEU A 128 -1.36 -6.98 13.10
C LEU A 128 -0.59 -8.27 13.29
N PRO A 129 -0.74 -9.29 12.41
CA PRO A 129 0.09 -10.47 12.50
C PRO A 129 1.56 -10.09 12.31
N SER A 130 2.45 -10.98 12.70
CA SER A 130 3.86 -10.73 12.37
C SER A 130 4.11 -11.16 10.93
N LEU A 131 5.11 -10.60 10.31
CA LEU A 131 5.41 -10.79 8.86
C LEU A 131 6.72 -11.57 8.79
N ALA A 132 6.63 -12.76 8.25
CA ALA A 132 7.78 -13.67 8.20
C ALA A 132 8.87 -13.09 7.32
N PRO A 133 10.15 -13.46 7.60
CA PRO A 133 11.25 -13.10 6.72
C PRO A 133 10.89 -13.56 5.30
N GLY A 134 11.01 -12.65 4.32
CA GLY A 134 10.79 -12.96 2.89
C GLY A 134 9.39 -12.69 2.45
N ALA A 135 8.43 -12.65 3.37
CA ALA A 135 7.01 -12.46 3.00
C ALA A 135 6.79 -11.04 2.53
N THR A 136 5.76 -10.82 1.73
CA THR A 136 5.39 -9.46 1.24
C THR A 136 3.91 -9.19 1.45
N LEU A 137 3.59 -7.91 1.60
CA LEU A 137 2.20 -7.40 1.70
C LEU A 137 1.96 -6.48 0.53
N ARG A 138 0.79 -6.61 -0.09
CA ARG A 138 0.39 -5.66 -1.12
C ARG A 138 -0.82 -4.87 -0.62
N PHE A 139 -0.71 -3.56 -0.66
CA PHE A 139 -1.75 -2.62 -0.20
C PHE A 139 -2.34 -1.97 -1.44
N SER A 140 -3.64 -1.99 -1.56
CA SER A 140 -4.37 -1.34 -2.67
C SER A 140 -5.26 -0.29 -2.06
N LEU A 141 -5.29 0.88 -2.66
CA LEU A 141 -5.96 2.06 -2.03
C LEU A 141 -6.81 2.75 -3.09
N ARG A 142 -8.09 2.85 -2.85
CA ARG A 142 -9.01 3.49 -3.80
C ARG A 142 -8.89 5.00 -3.70
N ALA A 143 -8.93 5.66 -4.86
CA ALA A 143 -8.84 7.12 -4.91
C ALA A 143 -9.81 7.69 -5.92
N ASN A 144 -10.27 8.91 -5.69
CA ASN A 144 -11.11 9.69 -6.63
C ASN A 144 -10.18 10.64 -7.43
N ALA A 145 -10.17 10.50 -8.74
CA ALA A 145 -9.36 11.38 -9.62
C ALA A 145 -9.97 12.76 -9.62
N VAL A 146 -9.17 13.76 -9.30
CA VAL A 146 -9.64 15.17 -9.36
C VAL A 146 -8.47 16.04 -9.88
N ASN A 147 -8.74 16.79 -10.96
CA ASN A 147 -7.95 17.95 -11.50
C ASN A 147 -7.49 17.88 -12.96
N GLY A 148 -6.64 18.83 -13.42
CA GLY A 148 -5.61 18.60 -14.47
C GLY A 148 -4.22 18.95 -13.90
N THR A 149 -4.07 19.00 -12.57
CA THR A 149 -2.78 19.05 -11.84
C THR A 149 -2.43 17.63 -11.44
N ASN A 150 -1.18 17.20 -11.49
CA ASN A 150 -0.91 15.78 -11.16
C ASN A 150 -1.14 15.58 -9.67
N THR A 151 -1.57 14.39 -9.29
CA THR A 151 -1.61 13.96 -7.87
C THR A 151 -0.34 13.17 -7.54
N THR A 152 0.37 13.57 -6.48
CA THR A 152 1.54 12.79 -5.99
C THR A 152 1.25 12.33 -4.56
N VAL A 153 1.51 11.05 -4.29
CA VAL A 153 1.33 10.52 -2.91
C VAL A 153 2.66 9.99 -2.42
N GLN A 154 2.85 10.13 -1.12
CA GLN A 154 4.06 9.66 -0.41
C GLN A 154 3.65 8.41 0.35
N ALA A 155 4.37 7.34 0.19
CA ALA A 155 4.08 6.08 0.92
C ALA A 155 5.27 5.69 1.78
N ASP A 156 5.04 5.56 3.07
CA ASP A 156 6.12 5.25 4.05
C ASP A 156 5.82 3.89 4.67
N ALA A 157 6.84 3.01 4.72
CA ALA A 157 6.74 1.70 5.38
C ALA A 157 7.60 1.74 6.62
N THR A 158 7.10 1.15 7.72
CA THR A 158 7.82 1.00 8.99
C THR A 158 7.44 -0.32 9.62
N SER A 159 8.31 -0.78 10.52
CA SER A 159 7.98 -1.90 11.42
C SER A 159 8.67 -1.60 12.73
N THR A 160 8.31 -2.33 13.78
CA THR A 160 9.01 -2.21 15.06
C THR A 160 10.53 -2.43 14.86
N GLU A 161 10.87 -3.54 14.24
CA GLU A 161 12.26 -4.08 14.30
C GLU A 161 13.13 -3.40 13.24
N ALA A 162 12.57 -2.93 12.12
CA ALA A 162 13.39 -2.41 10.99
C ALA A 162 13.68 -0.94 11.21
N PRO A 163 14.84 -0.46 10.69
CA PRO A 163 15.22 0.95 10.90
C PRO A 163 14.55 1.76 9.80
N GLY A 164 13.24 1.89 9.83
CA GLY A 164 12.50 2.65 8.83
C GLY A 164 12.58 4.15 9.14
N PRO A 165 11.80 5.01 8.47
CA PRO A 165 10.89 4.61 7.40
C PRO A 165 11.60 4.42 6.03
N TYR A 166 10.89 3.78 5.15
CA TYR A 166 11.27 3.54 3.74
C TYR A 166 10.20 4.22 2.91
N THR A 167 10.57 5.14 2.04
CA THR A 167 9.58 6.04 1.40
C THR A 167 9.68 5.99 -0.12
N VAL A 168 8.54 6.05 -0.76
CA VAL A 168 8.42 6.26 -2.24
C VAL A 168 7.36 7.30 -2.51
N PHE A 169 7.42 7.85 -3.70
CA PHE A 169 6.43 8.81 -4.19
C PHE A 169 5.91 8.29 -5.53
N GLU A 170 4.60 8.20 -5.67
CA GLU A 170 3.95 7.81 -6.93
C GLU A 170 3.06 8.96 -7.39
N THR A 171 2.95 9.14 -8.70
CA THR A 171 2.34 10.33 -9.30
C THR A 171 1.37 9.85 -10.37
N THR A 172 0.19 10.48 -10.39
CA THR A 172 -0.92 10.16 -11.28
C THR A 172 -1.28 11.41 -12.06
N THR A 173 -1.35 11.25 -13.35
CA THR A 173 -1.76 12.30 -14.30
C THR A 173 -3.28 12.30 -14.37
N ILE A 174 -3.90 13.45 -14.07
CA ILE A 174 -5.39 13.54 -14.02
C ILE A 174 -5.83 14.39 -15.19
N ILE A 175 -6.77 13.87 -15.96
CA ILE A 175 -7.33 14.62 -17.11
C ILE A 175 -8.54 15.36 -16.60
N PRO A 176 -8.64 16.69 -16.79
CA PRO A 176 -9.81 17.46 -16.35
C PRO A 176 -11.10 17.13 -17.09
CA CA B . 1.68 6.76 -11.94
CA CA C . 5.00 -16.08 -3.51
#